data_6DAZ
#
_entry.id   6DAZ
#
_cell.length_a   81.788
_cell.length_b   66.388
_cell.length_c   63.042
_cell.angle_alpha   90.000
_cell.angle_beta   109.600
_cell.angle_gamma   90.000
#
_symmetry.space_group_name_H-M   'C 1 2 1'
#
loop_
_entity.id
_entity.type
_entity.pdbx_description
1 polymer 'Alpha-ketoglutarate-dependent L-arginine hydroxylase'
2 non-polymer 'FE (II) ION'
3 non-polymer 'SUCCINIC ACID'
4 non-polymer (3S)-N~6~-carbamimidoyl-3-hydroxy-L-lysine
5 water water
#
_entity_poly.entity_id   1
_entity_poly.type   'polypeptide(L)'
_entity_poly.pdbx_seq_one_letter_code
;PWSEFRLTPAEAAAAAALAARCAQRYDETDGPEFLLDAPVIAHELPRRLRTFMARARLDAWPHALVVRGNPVDDAALGST
PVHWRTARTPGSRPLSFLLMLYAGLLGDVFGWATQQDGRVVTDVLPIKGGEHTLVSSSSRQELGWHTEDAFSPYRADYVG
LLSLRNPDGVATTLAGVPLDDLDERTLDVLFQERFLIRPDDSHLQVNNSTAQQGRVEFEGIAQAADRPEPVAILTGHRAA
PHLRVDGDFSAPAEGDEEAAAALGTLRKLIDASLYELVLDQGDVAFIDNRRAVHGRRAFQPRYDGRDRWLKRINITRDLH
RSRKAWAGDSRVLGQR
;
_entity_poly.pdbx_strand_id   A
#
# COMPACT_ATOMS: atom_id res chain seq x y z
N PRO A 1 15.58 -4.33 -9.21
CA PRO A 1 15.45 -3.31 -8.15
C PRO A 1 14.61 -3.72 -6.92
N TRP A 2 14.20 -4.99 -6.85
CA TRP A 2 13.55 -5.53 -5.66
C TRP A 2 14.25 -6.82 -5.25
N SER A 3 14.09 -7.19 -3.98
CA SER A 3 14.60 -8.47 -3.47
C SER A 3 13.54 -9.55 -3.67
N GLU A 4 13.96 -10.73 -4.10
CA GLU A 4 13.04 -11.80 -4.43
C GLU A 4 13.34 -13.10 -3.69
N PHE A 5 12.28 -13.77 -3.24
CA PHE A 5 12.35 -15.05 -2.57
C PHE A 5 11.30 -15.96 -3.18
N ARG A 6 11.68 -17.21 -3.48
CA ARG A 6 10.73 -18.20 -3.97
C ARG A 6 10.62 -19.35 -2.98
N LEU A 7 9.41 -19.58 -2.49
CA LEU A 7 9.14 -20.65 -1.55
C LEU A 7 9.33 -22.01 -2.22
N THR A 8 9.90 -22.97 -1.49
CA THR A 8 9.85 -24.36 -1.92
C THR A 8 8.44 -24.87 -1.64
N PRO A 9 8.02 -25.96 -2.30
CA PRO A 9 6.72 -26.55 -2.04
C PRO A 9 6.48 -26.87 -0.54
N ALA A 10 7.49 -27.41 0.13
CA ALA A 10 7.40 -27.69 1.56
C ALA A 10 7.24 -26.42 2.39
N GLU A 11 7.96 -25.36 2.03
CA GLU A 11 7.85 -24.07 2.72
C GLU A 11 6.48 -23.44 2.49
N ALA A 12 6.00 -23.51 1.25
CA ALA A 12 4.70 -22.94 0.89
C ALA A 12 3.56 -23.65 1.62
N ALA A 13 3.62 -24.98 1.67
CA ALA A 13 2.62 -25.77 2.38
C ALA A 13 2.58 -25.47 3.88
N ALA A 14 3.77 -25.31 4.49
CA ALA A 14 3.87 -25.02 5.91
C ALA A 14 3.28 -23.65 6.23
N ALA A 15 3.60 -22.67 5.39
CA ALA A 15 3.06 -21.31 5.55
C ALA A 15 1.53 -21.31 5.40
N ALA A 16 1.03 -22.04 4.40
CA ALA A 16 -0.41 -22.16 4.17
C ALA A 16 -1.12 -22.83 5.35
N ALA A 17 -0.53 -23.91 5.86
CA ALA A 17 -1.08 -24.62 7.01
C ALA A 17 -1.17 -23.70 8.22
N LEU A 18 -0.13 -22.90 8.45
CA LEU A 18 -0.11 -21.96 9.57
C LEU A 18 -1.27 -20.95 9.48
N ALA A 19 -1.41 -20.34 8.31
CA ALA A 19 -2.49 -19.38 8.06
C ALA A 19 -3.88 -20.00 8.26
N ALA A 20 -4.06 -21.22 7.75
CA ALA A 20 -5.34 -21.92 7.90
C ALA A 20 -5.66 -22.22 9.36
N ARG A 21 -4.63 -22.58 10.14
CA ARG A 21 -4.77 -22.76 11.59
C ARG A 21 -5.20 -21.46 12.29
N CYS A 22 -4.61 -20.33 11.88
CA CYS A 22 -5.00 -19.01 12.42
C CYS A 22 -6.46 -18.69 12.08
N ALA A 23 -6.85 -18.98 10.83
CA ALA A 23 -8.23 -18.78 10.38
C ALA A 23 -9.23 -19.62 11.16
N GLN A 24 -8.82 -20.81 11.59
CA GLN A 24 -9.66 -21.68 12.43
C GLN A 24 -9.83 -21.16 13.86
N ARG A 25 -8.79 -20.52 14.39
CA ARG A 25 -8.74 -20.15 15.80
C ARG A 25 -9.18 -18.72 16.12
N TYR A 26 -9.04 -17.80 15.17
CA TYR A 26 -9.41 -16.40 15.36
C TYR A 26 -10.63 -16.04 14.51
N ASP A 27 -11.49 -15.18 15.03
CA ASP A 27 -12.72 -14.78 14.30
C ASP A 27 -12.42 -13.96 13.04
N GLU A 28 -11.45 -13.05 13.13
CA GLU A 28 -11.08 -12.20 11.99
C GLU A 28 -9.65 -11.70 12.10
N THR A 29 -9.13 -11.15 10.99
CA THR A 29 -7.77 -10.60 10.97
C THR A 29 -7.66 -9.29 11.74
N ASP A 30 -8.71 -8.47 11.67
CA ASP A 30 -8.68 -7.11 12.22
C ASP A 30 -9.10 -7.01 13.68
N GLY A 31 -9.39 -8.15 14.32
CA GLY A 31 -9.71 -8.16 15.74
C GLY A 31 -8.45 -7.90 16.55
N PRO A 32 -8.60 -7.32 17.75
CA PRO A 32 -7.43 -7.04 18.59
C PRO A 32 -6.60 -8.28 18.91
N GLU A 33 -7.25 -9.42 19.06
CA GLU A 33 -6.58 -10.67 19.44
C GLU A 33 -5.53 -11.08 18.40
N PHE A 34 -5.95 -11.20 17.14
CA PHE A 34 -5.01 -11.60 16.10
C PHE A 34 -3.99 -10.52 15.77
N LEU A 35 -4.37 -9.25 15.93
CA LEU A 35 -3.44 -8.14 15.71
C LEU A 35 -2.25 -8.18 16.69
N LEU A 36 -2.53 -8.52 17.95
CA LEU A 36 -1.48 -8.70 18.95
C LEU A 36 -0.67 -9.99 18.77
N ASP A 37 -1.34 -11.08 18.39
CA ASP A 37 -0.69 -12.39 18.32
C ASP A 37 0.10 -12.64 17.03
N ALA A 38 -0.34 -12.03 15.92
CA ALA A 38 0.22 -12.34 14.60
C ALA A 38 1.76 -12.25 14.53
N PRO A 39 2.36 -11.18 15.08
CA PRO A 39 3.82 -11.06 15.05
C PRO A 39 4.58 -12.20 15.73
N VAL A 40 3.98 -12.81 16.74
CA VAL A 40 4.58 -13.96 17.43
C VAL A 40 4.29 -15.26 16.67
N ILE A 41 3.09 -15.40 16.13
CA ILE A 41 2.74 -16.59 15.35
C ILE A 41 3.61 -16.68 14.08
N ALA A 42 3.95 -15.54 13.50
CA ALA A 42 4.80 -15.48 12.31
C ALA A 42 6.21 -16.07 12.54
N HIS A 43 6.64 -16.11 13.80
CA HIS A 43 7.90 -16.78 14.15
C HIS A 43 7.91 -18.26 13.78
N GLU A 44 6.72 -18.84 13.61
CA GLU A 44 6.57 -20.24 13.21
C GLU A 44 6.69 -20.47 11.70
N LEU A 45 6.80 -19.40 10.91
CA LEU A 45 6.95 -19.54 9.47
C LEU A 45 8.31 -20.18 9.16
N PRO A 46 8.48 -20.73 7.94
CA PRO A 46 9.75 -21.38 7.57
C PRO A 46 10.97 -20.50 7.83
N ARG A 47 11.98 -21.08 8.43
CA ARG A 47 13.16 -20.39 8.79
C ARG A 47 13.85 -19.63 7.66
N ARG A 48 14.03 -20.24 6.53
CA ARG A 48 14.70 -19.59 5.38
C ARG A 48 13.94 -18.33 4.95
N LEU A 49 12.61 -18.35 5.04
CA LEU A 49 11.80 -17.18 4.74
C LEU A 49 12.02 -16.07 5.76
N ARG A 50 12.05 -16.43 7.04
CA ARG A 50 12.28 -15.45 8.11
C ARG A 50 13.64 -14.78 7.96
N THR A 51 14.65 -15.56 7.60
CA THR A 51 15.98 -15.04 7.31
C THR A 51 15.96 -14.03 6.15
N PHE A 52 15.29 -14.39 5.06
CA PHE A 52 15.15 -13.47 3.92
C PHE A 52 14.50 -12.14 4.31
N MET A 53 13.42 -12.23 5.09
CA MET A 53 12.65 -11.05 5.50
C MET A 53 13.47 -10.12 6.39
N ALA A 54 14.26 -10.72 7.29
CA ALA A 54 15.13 -9.97 8.19
C ALA A 54 16.26 -9.27 7.43
N ARG A 55 16.88 -9.99 6.49
CA ARG A 55 17.99 -9.43 5.72
C ARG A 55 17.55 -8.44 4.65
N ALA A 56 16.43 -8.74 3.98
CA ALA A 56 15.92 -7.87 2.94
C ALA A 56 15.49 -6.52 3.53
N ARG A 57 14.86 -6.56 4.71
CA ARG A 57 14.46 -5.33 5.40
C ARG A 57 15.67 -4.45 5.77
N LEU A 58 16.82 -5.07 6.06
CA LEU A 58 18.04 -4.35 6.43
C LEU A 58 18.85 -3.86 5.24
N ASP A 59 18.63 -4.45 4.06
CA ASP A 59 19.25 -3.94 2.83
C ASP A 59 18.85 -2.50 2.58
N ALA A 60 19.78 -1.72 2.04
CA ALA A 60 19.57 -0.29 1.80
C ALA A 60 19.02 0.04 0.41
N TRP A 61 19.23 -0.83 -0.57
CA TRP A 61 18.88 -0.53 -1.97
C TRP A 61 17.46 -0.88 -2.50
N PRO A 62 16.89 -2.05 -2.11
CA PRO A 62 15.67 -2.48 -2.82
C PRO A 62 14.44 -1.59 -2.65
N HIS A 63 13.62 -1.52 -3.70
CA HIS A 63 12.35 -0.79 -3.65
C HIS A 63 11.21 -1.63 -3.06
N ALA A 64 11.39 -2.95 -3.04
CA ALA A 64 10.38 -3.87 -2.53
C ALA A 64 10.96 -5.23 -2.18
N LEU A 65 10.21 -5.99 -1.37
CA LEU A 65 10.48 -7.40 -1.10
C LEU A 65 9.37 -8.20 -1.78
N VAL A 66 9.73 -9.25 -2.51
CA VAL A 66 8.74 -10.09 -3.17
C VAL A 66 8.90 -11.56 -2.80
N VAL A 67 7.81 -12.19 -2.38
CA VAL A 67 7.79 -13.61 -2.06
C VAL A 67 6.89 -14.31 -3.06
N ARG A 68 7.44 -15.26 -3.80
CA ARG A 68 6.72 -15.98 -4.84
C ARG A 68 6.40 -17.40 -4.38
N GLY A 69 5.26 -17.93 -4.81
CA GLY A 69 4.96 -19.36 -4.71
C GLY A 69 3.94 -19.79 -3.66
N ASN A 70 3.10 -18.88 -3.19
CA ASN A 70 1.99 -19.25 -2.32
C ASN A 70 0.86 -19.82 -3.19
N PRO A 71 0.42 -21.06 -2.90
CA PRO A 71 -0.66 -21.62 -3.74
C PRO A 71 -2.03 -21.00 -3.43
N VAL A 72 -2.79 -20.73 -4.48
CA VAL A 72 -4.15 -20.21 -4.37
C VAL A 72 -5.05 -21.01 -5.31
N ASP A 73 -6.01 -21.73 -4.74
CA ASP A 73 -6.94 -22.57 -5.50
C ASP A 73 -8.14 -21.73 -5.93
N ASP A 74 -8.20 -21.37 -7.22
CA ASP A 74 -9.28 -20.53 -7.77
C ASP A 74 -10.68 -21.08 -7.47
N ALA A 75 -10.82 -22.40 -7.47
CA ALA A 75 -12.12 -23.02 -7.17
C ALA A 75 -12.52 -22.80 -5.71
N ALA A 76 -11.61 -23.09 -4.78
CA ALA A 76 -11.84 -22.85 -3.36
C ALA A 76 -12.01 -21.36 -3.08
N LEU A 77 -11.23 -20.54 -3.78
CA LEU A 77 -11.27 -19.08 -3.60
C LEU A 77 -12.64 -18.51 -3.91
N GLY A 78 -13.22 -18.95 -5.03
CA GLY A 78 -14.51 -18.44 -5.48
C GLY A 78 -14.39 -17.19 -6.33
N SER A 79 -15.54 -16.64 -6.73
CA SER A 79 -15.57 -15.48 -7.62
C SER A 79 -14.99 -14.22 -6.98
N THR A 80 -14.37 -13.37 -7.79
CA THR A 80 -13.94 -12.05 -7.33
C THR A 80 -15.18 -11.22 -6.97
N PRO A 81 -15.17 -10.56 -5.80
CA PRO A 81 -16.32 -9.74 -5.39
C PRO A 81 -16.58 -8.54 -6.30
N VAL A 82 -17.81 -8.05 -6.29
CA VAL A 82 -18.19 -6.87 -7.07
C VAL A 82 -17.80 -5.56 -6.37
N HIS A 83 -17.53 -5.63 -5.07
CA HIS A 83 -17.18 -4.45 -4.26
C HIS A 83 -16.33 -4.91 -3.09
N TRP A 84 -15.48 -4.02 -2.56
CA TRP A 84 -14.67 -4.36 -1.37
C TRP A 84 -15.52 -4.68 -0.14
N ARG A 85 -16.72 -4.08 -0.08
CA ARG A 85 -17.62 -4.22 1.04
C ARG A 85 -17.97 -5.69 1.28
N THR A 86 -18.18 -6.41 0.18
CA THR A 86 -18.57 -7.82 0.21
C THR A 86 -17.39 -8.77 0.00
N ALA A 87 -16.16 -8.30 0.18
CA ALA A 87 -14.97 -9.02 -0.29
C ALA A 87 -14.31 -9.95 0.74
N ARG A 88 -14.83 -9.97 1.96
CA ARG A 88 -14.29 -10.89 2.96
C ARG A 88 -14.98 -12.24 2.86
N THR A 89 -14.66 -12.95 1.78
CA THR A 89 -15.26 -14.23 1.47
C THR A 89 -14.51 -15.35 2.17
N PRO A 90 -15.20 -16.46 2.49
CA PRO A 90 -14.53 -17.62 3.09
C PRO A 90 -13.35 -18.13 2.27
N GLY A 91 -13.48 -18.11 0.95
CA GLY A 91 -12.39 -18.54 0.07
C GLY A 91 -11.10 -17.72 0.19
N SER A 92 -11.24 -16.42 0.45
CA SER A 92 -10.08 -15.54 0.58
C SER A 92 -9.58 -15.43 2.02
N ARG A 93 -10.38 -15.91 2.98
CA ARG A 93 -10.07 -15.80 4.41
C ARG A 93 -8.65 -16.25 4.76
N PRO A 94 -8.28 -17.51 4.44
CA PRO A 94 -6.94 -17.98 4.85
C PRO A 94 -5.79 -17.14 4.28
N LEU A 95 -5.96 -16.65 3.06
CA LEU A 95 -4.93 -15.82 2.41
C LEU A 95 -4.80 -14.42 3.05
N SER A 96 -5.90 -13.89 3.59
CA SER A 96 -5.83 -12.65 4.39
C SER A 96 -4.99 -12.87 5.64
N PHE A 97 -5.19 -14.00 6.30
CA PHE A 97 -4.39 -14.38 7.46
C PHE A 97 -2.91 -14.55 7.08
N LEU A 98 -2.65 -15.22 5.96
CA LEU A 98 -1.29 -15.40 5.45
C LEU A 98 -0.57 -14.05 5.25
N LEU A 99 -1.26 -13.10 4.63
CA LEU A 99 -0.70 -11.77 4.38
C LEU A 99 -0.32 -11.08 5.68
N MET A 100 -1.21 -11.14 6.68
CA MET A 100 -0.93 -10.51 7.97
C MET A 100 0.25 -11.17 8.68
N LEU A 101 0.41 -12.48 8.52
CA LEU A 101 1.54 -13.20 9.11
C LEU A 101 2.86 -12.72 8.52
N TYR A 102 2.96 -12.66 7.20
CA TYR A 102 4.15 -12.12 6.54
C TYR A 102 4.41 -10.67 6.97
N ALA A 103 3.35 -9.86 7.00
CA ALA A 103 3.44 -8.46 7.41
C ALA A 103 4.01 -8.32 8.81
N GLY A 104 3.67 -9.29 9.68
CA GLY A 104 4.15 -9.32 11.06
C GLY A 104 5.66 -9.45 11.23
N LEU A 105 6.34 -9.98 10.22
CA LEU A 105 7.81 -10.03 10.22
C LEU A 105 8.46 -8.68 9.91
N LEU A 106 7.67 -7.73 9.40
CA LEU A 106 8.19 -6.43 8.97
C LEU A 106 7.78 -5.24 9.85
N GLY A 107 6.62 -5.33 10.51
CA GLY A 107 6.17 -4.23 11.37
C GLY A 107 4.74 -4.34 11.86
N ASP A 108 4.16 -3.21 12.24
CA ASP A 108 2.82 -3.14 12.82
C ASP A 108 1.80 -2.74 11.76
N VAL A 109 0.75 -3.54 11.62
CA VAL A 109 -0.28 -3.22 10.63
C VAL A 109 -1.29 -2.22 11.18
N PHE A 110 -1.86 -1.42 10.27
CA PHE A 110 -2.87 -0.42 10.64
C PHE A 110 -3.75 -0.07 9.43
N GLY A 111 -4.86 0.61 9.69
CA GLY A 111 -5.74 1.13 8.65
C GLY A 111 -6.13 2.58 8.91
N TRP A 112 -7.09 3.08 8.14
CA TRP A 112 -7.57 4.46 8.24
C TRP A 112 -9.06 4.50 8.48
N ALA A 113 -9.49 5.39 9.39
CA ALA A 113 -10.90 5.56 9.71
C ALA A 113 -11.73 6.01 8.51
N THR A 114 -11.05 6.61 7.53
CA THR A 114 -11.69 7.20 6.36
C THR A 114 -11.46 6.44 5.05
N GLN A 115 -10.92 5.23 5.12
CA GLN A 115 -10.73 4.40 3.92
C GLN A 115 -11.23 2.96 4.15
N GLN A 116 -12.07 2.48 3.22
CA GLN A 116 -12.70 1.16 3.30
C GLN A 116 -13.26 0.82 4.70
N ASP A 117 -14.00 1.76 5.27
CA ASP A 117 -14.70 1.58 6.54
C ASP A 117 -13.80 1.26 7.73
N GLY A 118 -12.54 1.71 7.68
CA GLY A 118 -11.61 1.47 8.78
C GLY A 118 -10.99 0.07 8.84
N ARG A 119 -11.12 -0.70 7.77
CA ARG A 119 -10.56 -2.06 7.73
C ARG A 119 -9.03 -2.04 7.67
N VAL A 120 -8.40 -3.02 8.31
CA VAL A 120 -6.95 -3.17 8.25
C VAL A 120 -6.54 -3.95 7.00
N VAL A 121 -7.10 -5.14 6.82
CA VAL A 121 -6.88 -5.89 5.58
C VAL A 121 -7.87 -5.35 4.57
N THR A 122 -7.36 -4.72 3.51
CA THR A 122 -8.21 -4.08 2.50
C THR A 122 -8.16 -4.84 1.18
N ASP A 123 -8.99 -4.41 0.22
CA ASP A 123 -9.08 -5.07 -1.08
C ASP A 123 -8.83 -4.10 -2.22
N VAL A 124 -8.11 -4.61 -3.22
CA VAL A 124 -7.88 -3.90 -4.47
C VAL A 124 -8.55 -4.75 -5.54
N LEU A 125 -9.62 -4.21 -6.12
CA LEU A 125 -10.34 -4.89 -7.20
C LEU A 125 -11.15 -3.87 -7.99
N PRO A 126 -11.39 -4.14 -9.29
CA PRO A 126 -12.12 -3.16 -10.10
C PRO A 126 -13.61 -3.13 -9.76
N ILE A 127 -14.17 -1.93 -9.64
CA ILE A 127 -15.59 -1.76 -9.33
C ILE A 127 -16.29 -1.12 -10.53
N LYS A 128 -17.40 -1.74 -10.93
CA LYS A 128 -18.18 -1.30 -12.09
C LYS A 128 -18.68 0.12 -11.91
N GLY A 129 -18.47 0.95 -12.93
CA GLY A 129 -18.79 2.38 -12.86
C GLY A 129 -17.63 3.26 -12.40
N GLY A 130 -16.62 2.66 -11.75
CA GLY A 130 -15.47 3.42 -11.24
C GLY A 130 -14.18 3.18 -12.02
N GLU A 131 -14.32 2.97 -13.33
CA GLU A 131 -13.16 2.60 -14.16
C GLU A 131 -12.15 3.73 -14.29
N HIS A 132 -12.64 4.98 -14.28
CA HIS A 132 -11.81 6.15 -14.54
C HIS A 132 -11.62 7.06 -13.33
N THR A 133 -11.70 6.47 -12.14
CA THR A 133 -11.46 7.20 -10.90
C THR A 133 -9.95 7.20 -10.59
N LEU A 134 -9.57 7.94 -9.56
CA LEU A 134 -8.18 8.01 -9.12
C LEU A 134 -7.87 7.04 -7.97
N VAL A 135 -8.76 6.09 -7.71
CA VAL A 135 -8.58 5.14 -6.61
C VAL A 135 -8.25 3.74 -7.13
N SER A 136 -7.87 2.85 -6.22
CA SER A 136 -7.35 1.53 -6.56
C SER A 136 -8.39 0.57 -7.18
N SER A 137 -9.67 0.93 -7.10
CA SER A 137 -10.72 0.18 -7.78
C SER A 137 -10.95 0.66 -9.22
N SER A 138 -10.04 1.49 -9.72
CA SER A 138 -10.04 1.86 -11.13
C SER A 138 -9.54 0.69 -11.97
N SER A 139 -9.64 0.83 -13.27
CA SER A 139 -9.18 -0.19 -14.20
C SER A 139 -8.72 0.44 -15.50
N ARG A 140 -9.67 0.95 -16.29
CA ARG A 140 -9.38 1.45 -17.63
C ARG A 140 -8.41 2.63 -17.61
N GLN A 141 -8.48 3.45 -16.56
CA GLN A 141 -7.51 4.50 -16.32
C GLN A 141 -6.37 4.01 -15.43
N GLU A 142 -5.15 4.17 -15.91
CA GLU A 142 -3.95 3.83 -15.15
C GLU A 142 -3.97 4.50 -13.78
N LEU A 143 -3.65 3.75 -12.73
CA LEU A 143 -3.49 4.32 -11.40
C LEU A 143 -2.11 5.00 -11.32
N GLY A 144 -2.11 6.33 -11.33
CA GLY A 144 -0.88 7.12 -11.32
C GLY A 144 0.02 6.83 -10.13
N TRP A 145 1.32 6.96 -10.34
CA TRP A 145 2.30 6.67 -9.27
C TRP A 145 2.12 7.59 -8.06
N HIS A 146 2.41 7.04 -6.88
CA HIS A 146 2.22 7.77 -5.64
C HIS A 146 2.91 7.09 -4.49
N THR A 147 3.18 7.88 -3.46
CA THR A 147 3.49 7.37 -2.15
C THR A 147 2.13 7.10 -1.52
N GLU A 148 1.95 5.93 -0.90
CA GLU A 148 0.68 5.61 -0.27
C GLU A 148 0.41 6.62 0.84
N ASP A 149 -0.79 7.21 0.82
CA ASP A 149 -1.21 8.19 1.80
C ASP A 149 -0.19 9.32 1.96
N ALA A 150 0.29 9.83 0.82
CA ALA A 150 1.36 10.82 0.78
C ALA A 150 1.08 12.05 1.64
N PHE A 151 -0.20 12.43 1.74
CA PHE A 151 -0.61 13.58 2.56
C PHE A 151 -0.28 13.45 4.05
N SER A 152 -0.28 12.23 4.57
CA SER A 152 -0.16 12.01 6.01
C SER A 152 1.27 11.77 6.47
N PRO A 153 1.65 12.37 7.62
CA PRO A 153 2.94 12.02 8.21
C PRO A 153 2.97 10.62 8.84
N TYR A 154 1.80 9.98 8.92
CA TYR A 154 1.66 8.66 9.53
C TYR A 154 1.45 7.56 8.49
N ARG A 155 1.67 7.90 7.22
CA ARG A 155 1.64 6.93 6.13
C ARG A 155 2.57 5.75 6.39
N ALA A 156 2.27 4.62 5.74
CA ALA A 156 3.00 3.38 5.96
C ALA A 156 4.48 3.46 5.57
N ASP A 157 5.30 2.64 6.22
CA ASP A 157 6.67 2.37 5.78
C ASP A 157 6.68 1.33 4.66
N TYR A 158 5.80 0.32 4.78
CA TYR A 158 5.64 -0.71 3.76
C TYR A 158 4.17 -0.90 3.39
N VAL A 159 3.92 -1.16 2.10
CA VAL A 159 2.58 -1.51 1.63
C VAL A 159 2.63 -2.95 1.15
N GLY A 160 1.90 -3.84 1.83
CA GLY A 160 1.83 -5.25 1.46
C GLY A 160 0.71 -5.52 0.47
N LEU A 161 1.01 -6.33 -0.54
CA LEU A 161 0.02 -6.72 -1.55
C LEU A 161 0.13 -8.23 -1.81
N LEU A 162 -0.97 -8.95 -1.62
CA LEU A 162 -1.05 -10.37 -1.98
C LEU A 162 -2.02 -10.55 -3.12
N SER A 163 -1.54 -11.14 -4.21
CA SER A 163 -2.33 -11.34 -5.42
C SER A 163 -3.15 -12.61 -5.30
N LEU A 164 -4.46 -12.46 -5.07
CA LEU A 164 -5.38 -13.60 -5.05
C LEU A 164 -5.59 -14.16 -6.45
N ARG A 165 -5.76 -13.27 -7.41
CA ARG A 165 -5.71 -13.65 -8.82
C ARG A 165 -5.36 -12.45 -9.70
N ASN A 166 -4.76 -12.75 -10.84
CA ASN A 166 -4.32 -11.73 -11.78
C ASN A 166 -4.11 -12.43 -13.13
N PRO A 167 -5.21 -13.01 -13.68
CA PRO A 167 -5.09 -13.92 -14.81
C PRO A 167 -4.49 -13.31 -16.07
N ASP A 168 -4.69 -12.00 -16.26
CA ASP A 168 -4.18 -11.31 -17.45
C ASP A 168 -2.87 -10.56 -17.22
N GLY A 169 -2.23 -10.78 -16.06
CA GLY A 169 -0.88 -10.29 -15.80
C GLY A 169 -0.71 -8.78 -15.73
N VAL A 170 -1.66 -8.10 -15.09
CA VAL A 170 -1.61 -6.64 -15.01
C VAL A 170 -0.48 -6.21 -14.06
N ALA A 171 0.35 -5.28 -14.53
CA ALA A 171 1.54 -4.86 -13.79
C ALA A 171 1.27 -3.77 -12.76
N THR A 172 1.86 -3.94 -11.59
CA THR A 172 2.07 -2.87 -10.63
C THR A 172 3.25 -2.08 -11.16
N THR A 173 3.23 -0.77 -10.98
CA THR A 173 4.34 0.08 -11.40
C THR A 173 5.11 0.58 -10.18
N LEU A 174 6.41 0.83 -10.39
CA LEU A 174 7.32 1.24 -9.32
C LEU A 174 8.39 2.19 -9.88
N ALA A 175 8.83 3.12 -9.04
CA ALA A 175 9.95 3.98 -9.37
C ALA A 175 10.59 4.50 -8.10
N GLY A 176 11.92 4.59 -8.11
CA GLY A 176 12.68 5.19 -7.00
C GLY A 176 12.98 6.64 -7.28
N VAL A 177 13.82 7.24 -6.45
CA VAL A 177 14.24 8.62 -6.64
C VAL A 177 15.18 8.67 -7.84
N PRO A 178 14.89 9.52 -8.84
CA PRO A 178 15.74 9.58 -10.04
C PRO A 178 17.05 10.34 -9.77
N LEU A 179 17.90 9.73 -8.96
CA LEU A 179 19.08 10.40 -8.40
C LEU A 179 20.16 10.62 -9.45
N ASP A 180 20.18 9.81 -10.49
CA ASP A 180 21.17 9.96 -11.56
C ASP A 180 20.91 11.16 -12.47
N ASP A 181 19.73 11.78 -12.37
CA ASP A 181 19.38 12.89 -13.26
C ASP A 181 19.02 14.21 -12.56
N LEU A 182 18.69 14.17 -11.28
CA LEU A 182 18.39 15.38 -10.52
C LEU A 182 19.66 16.20 -10.25
N ASP A 183 19.69 17.42 -10.76
CA ASP A 183 20.80 18.33 -10.49
C ASP A 183 20.68 18.85 -9.06
N GLU A 184 21.79 19.35 -8.52
CA GLU A 184 21.84 19.70 -7.09
C GLU A 184 20.90 20.82 -6.69
N ARG A 185 20.68 21.78 -7.59
CA ARG A 185 19.77 22.89 -7.31
CA ARG A 185 19.77 22.90 -7.33
C ARG A 185 18.33 22.39 -7.20
N THR A 186 17.92 21.54 -8.14
CA THR A 186 16.59 20.95 -8.12
C THR A 186 16.44 20.06 -6.89
N LEU A 187 17.49 19.29 -6.60
CA LEU A 187 17.53 18.44 -5.42
C LEU A 187 17.34 19.26 -4.14
N ASP A 188 18.07 20.37 -4.04
CA ASP A 188 17.94 21.30 -2.91
C ASP A 188 16.50 21.77 -2.71
N VAL A 189 15.83 22.15 -3.79
CA VAL A 189 14.47 22.66 -3.70
C VAL A 189 13.49 21.57 -3.24
N LEU A 190 13.66 20.36 -3.75
CA LEU A 190 12.83 19.21 -3.36
C LEU A 190 12.97 18.84 -1.88
N PHE A 191 14.13 19.16 -1.29
CA PHE A 191 14.37 18.96 0.15
C PHE A 191 13.74 20.04 1.04
N GLN A 192 13.23 21.11 0.43
CA GLN A 192 12.67 22.23 1.20
C GLN A 192 11.13 22.13 1.27
N GLU A 193 10.57 22.76 2.30
CA GLU A 193 9.14 22.69 2.59
C GLU A 193 8.36 23.65 1.71
N ARG A 194 8.14 23.23 0.47
CA ARG A 194 7.61 24.10 -0.57
C ARG A 194 6.58 23.40 -1.46
N PHE A 195 5.91 22.37 -0.92
CA PHE A 195 5.00 21.53 -1.69
C PHE A 195 3.72 21.19 -0.92
N LEU A 196 2.60 21.12 -1.63
CA LEU A 196 1.31 20.80 -1.06
C LEU A 196 0.88 19.41 -1.49
N ILE A 197 0.55 18.55 -0.54
CA ILE A 197 0.15 17.18 -0.84
C ILE A 197 -1.20 16.88 -0.19
N ARG A 198 -2.24 16.85 -1.01
CA ARG A 198 -3.62 16.67 -0.54
C ARG A 198 -3.98 15.19 -0.44
N PRO A 199 -4.95 14.85 0.44
CA PRO A 199 -5.37 13.46 0.52
C PRO A 199 -6.01 12.99 -0.78
N ASP A 200 -5.72 11.75 -1.16
CA ASP A 200 -6.32 11.16 -2.35
C ASP A 200 -7.79 10.80 -2.13
N ASP A 201 -8.48 10.46 -3.22
CA ASP A 201 -9.94 10.24 -3.20
C ASP A 201 -10.44 9.02 -2.39
N SER A 202 -9.54 8.10 -2.02
CA SER A 202 -9.95 6.95 -1.19
C SER A 202 -10.44 7.36 0.20
N HIS A 203 -10.07 8.57 0.64
CA HIS A 203 -10.48 9.10 1.93
C HIS A 203 -11.76 9.93 1.89
N LEU A 204 -12.42 9.99 0.73
CA LEU A 204 -13.68 10.75 0.60
C LEU A 204 -14.85 9.96 1.16
N GLN A 205 -15.83 10.68 1.71
CA GLN A 205 -17.04 10.05 2.27
C GLN A 205 -17.73 9.14 1.25
N VAL A 206 -17.84 9.61 0.02
CA VAL A 206 -18.54 8.86 -1.04
C VAL A 206 -17.87 7.51 -1.37
N ASN A 207 -16.58 7.38 -1.05
CA ASN A 207 -15.87 6.11 -1.24
C ASN A 207 -15.82 5.21 0.01
N ASN A 208 -16.62 5.55 1.01
CA ASN A 208 -16.86 4.67 2.16
C ASN A 208 -18.36 4.38 2.24
N SER A 209 -18.75 3.43 3.08
CA SER A 209 -20.16 3.04 3.18
C SER A 209 -21.01 4.17 3.77
N THR A 210 -22.29 4.19 3.39
CA THR A 210 -23.21 5.26 3.78
C THR A 210 -23.31 5.42 5.30
N ALA A 211 -23.25 4.31 6.04
CA ALA A 211 -23.31 4.34 7.50
C ALA A 211 -22.08 4.99 8.16
N GLN A 212 -21.00 5.18 7.39
CA GLN A 212 -19.76 5.76 7.89
C GLN A 212 -19.61 7.26 7.58
N GLN A 213 -20.48 7.81 6.74
CA GLN A 213 -20.32 9.21 6.28
C GLN A 213 -20.29 10.24 7.41
N GLY A 214 -20.92 9.91 8.55
CA GLY A 214 -20.94 10.81 9.71
C GLY A 214 -19.70 10.82 10.58
N ARG A 215 -18.75 9.91 10.31
CA ARG A 215 -17.53 9.84 11.11
C ARG A 215 -16.79 11.19 11.15
N VAL A 216 -16.37 11.56 12.35
CA VAL A 216 -15.68 12.82 12.59
C VAL A 216 -14.35 12.91 11.82
N GLU A 217 -13.69 11.77 11.61
CA GLU A 217 -12.38 11.74 10.98
C GLU A 217 -12.36 12.29 9.54
N PHE A 218 -13.52 12.28 8.87
CA PHE A 218 -13.64 12.94 7.56
C PHE A 218 -13.39 14.45 7.63
N GLU A 219 -13.62 15.06 8.79
CA GLU A 219 -13.33 16.49 8.98
C GLU A 219 -11.84 16.77 8.79
N GLY A 220 -11.00 15.94 9.41
CA GLY A 220 -9.55 16.04 9.26
C GLY A 220 -9.08 15.91 7.82
N ILE A 221 -9.75 15.06 7.05
CA ILE A 221 -9.46 14.89 5.63
C ILE A 221 -9.80 16.18 4.88
N ALA A 222 -10.96 16.74 5.19
CA ALA A 222 -11.40 18.01 4.61
C ALA A 222 -10.41 19.14 4.88
N GLN A 223 -9.86 19.20 6.09
CA GLN A 223 -8.89 20.23 6.46
C GLN A 223 -7.56 20.06 5.70
N ALA A 224 -7.14 18.81 5.54
CA ALA A 224 -5.93 18.51 4.78
C ALA A 224 -6.09 18.83 3.29
N ALA A 225 -7.31 18.68 2.78
CA ALA A 225 -7.61 19.00 1.38
C ALA A 225 -7.78 20.51 1.17
N ASP A 226 -8.44 21.18 2.10
CA ASP A 226 -8.71 22.62 1.99
C ASP A 226 -7.47 23.46 2.28
N ARG A 227 -6.73 23.10 3.32
CA ARG A 227 -5.58 23.90 3.77
C ARG A 227 -4.35 23.02 4.02
N PRO A 228 -3.75 22.50 2.93
CA PRO A 228 -2.55 21.68 3.09
C PRO A 228 -1.35 22.52 3.55
N GLU A 229 -0.51 21.97 4.40
CA GLU A 229 0.69 22.68 4.86
C GLU A 229 1.89 22.36 3.96
N PRO A 230 2.75 23.37 3.67
CA PRO A 230 3.95 23.11 2.87
C PRO A 230 4.89 22.07 3.49
N VAL A 231 5.24 21.04 2.71
CA VAL A 231 6.16 20.00 3.17
C VAL A 231 7.21 19.71 2.10
N ALA A 232 8.24 18.96 2.49
CA ALA A 232 9.30 18.55 1.56
C ALA A 232 8.90 17.28 0.83
N ILE A 233 9.37 17.14 -0.40
CA ILE A 233 9.23 15.88 -1.14
C ILE A 233 10.33 14.89 -0.76
N LEU A 234 11.57 15.36 -0.69
CA LEU A 234 12.71 14.51 -0.30
C LEU A 234 13.17 14.79 1.13
N THR A 235 13.57 13.73 1.83
CA THR A 235 14.09 13.85 3.19
C THR A 235 15.28 12.93 3.40
N GLY A 236 16.04 13.19 4.46
CA GLY A 236 17.16 12.36 4.88
C GLY A 236 18.46 12.60 4.13
N HIS A 237 19.11 11.52 3.72
CA HIS A 237 20.43 11.59 3.10
C HIS A 237 20.34 12.01 1.64
N ARG A 238 21.22 12.92 1.24
CA ARG A 238 21.18 13.46 -0.12
C ARG A 238 21.50 12.41 -1.19
N ALA A 239 22.33 11.43 -0.84
CA ALA A 239 22.71 10.36 -1.76
C ALA A 239 21.76 9.14 -1.72
N ALA A 240 20.79 9.15 -0.82
CA ALA A 240 19.79 8.09 -0.73
C ALA A 240 18.54 8.60 -0.01
N PRO A 241 17.83 9.56 -0.63
CA PRO A 241 16.71 10.20 0.06
C PRO A 241 15.46 9.36 0.14
N HIS A 242 14.59 9.69 1.08
CA HIS A 242 13.25 9.12 1.14
C HIS A 242 12.31 10.07 0.39
N LEU A 243 11.19 9.51 -0.07
CA LEU A 243 10.34 10.14 -1.07
C LEU A 243 8.90 10.25 -0.59
N ARG A 244 8.30 11.43 -0.78
CA ARG A 244 6.91 11.70 -0.39
C ARG A 244 6.24 12.55 -1.48
N VAL A 245 5.45 11.91 -2.34
CA VAL A 245 4.82 12.61 -3.45
C VAL A 245 3.68 11.78 -4.01
N ASP A 246 2.65 12.46 -4.51
CA ASP A 246 1.56 11.82 -5.23
C ASP A 246 1.37 12.58 -6.53
N GLY A 247 1.52 11.87 -7.65
CA GLY A 247 1.48 12.48 -8.96
C GLY A 247 0.20 13.22 -9.32
N ASP A 248 -0.93 12.81 -8.76
CA ASP A 248 -2.21 13.47 -9.05
C ASP A 248 -2.67 14.43 -7.96
N PHE A 249 -2.11 14.32 -6.76
CA PHE A 249 -2.59 15.10 -5.61
C PHE A 249 -1.54 16.04 -5.01
N SER A 250 -0.42 16.22 -5.69
CA SER A 250 0.63 17.14 -5.24
C SER A 250 0.66 18.41 -6.08
N ALA A 251 1.09 19.50 -5.44
CA ALA A 251 1.20 20.80 -6.10
C ALA A 251 2.31 21.62 -5.44
N PRO A 252 2.82 22.66 -6.13
CA PRO A 252 3.76 23.55 -5.45
C PRO A 252 3.02 24.47 -4.48
N ALA A 253 3.74 25.02 -3.49
CA ALA A 253 3.17 26.05 -2.63
C ALA A 253 2.77 27.26 -3.48
N GLU A 254 1.77 28.01 -3.01
CA GLU A 254 1.18 29.11 -3.79
C GLU A 254 2.23 30.14 -4.22
N GLY A 255 2.28 30.41 -5.51
CA GLY A 255 3.22 31.39 -6.07
C GLY A 255 4.69 31.00 -6.07
N ASP A 256 5.01 29.76 -5.73
CA ASP A 256 6.42 29.32 -5.65
C ASP A 256 6.90 28.73 -6.97
N GLU A 257 7.55 29.55 -7.78
CA GLU A 257 7.91 29.16 -9.14
C GLU A 257 9.05 28.16 -9.19
N GLU A 258 10.01 28.27 -8.27
CA GLU A 258 11.11 27.30 -8.18
C GLU A 258 10.63 25.91 -7.77
N ALA A 259 9.74 25.86 -6.79
CA ALA A 259 9.15 24.59 -6.35
C ALA A 259 8.37 23.96 -7.50
N ALA A 260 7.59 24.78 -8.21
CA ALA A 260 6.83 24.32 -9.36
C ALA A 260 7.72 23.66 -10.40
N ALA A 261 8.82 24.33 -10.77
CA ALA A 261 9.78 23.80 -11.73
C ALA A 261 10.43 22.50 -11.23
N ALA A 262 10.75 22.45 -9.93
CA ALA A 262 11.32 21.25 -9.35
C ALA A 262 10.36 20.05 -9.40
N LEU A 263 9.09 20.27 -9.03
CA LEU A 263 8.08 19.21 -9.08
C LEU A 263 7.83 18.76 -10.51
N GLY A 264 7.73 19.71 -11.43
CA GLY A 264 7.60 19.41 -12.86
C GLY A 264 8.70 18.50 -13.37
N THR A 265 9.94 18.84 -13.00
CA THR A 265 11.11 18.05 -13.36
C THR A 265 11.02 16.63 -12.78
N LEU A 266 10.66 16.53 -11.51
CA LEU A 266 10.54 15.24 -10.83
C LEU A 266 9.51 14.34 -11.53
N ARG A 267 8.34 14.89 -11.83
CA ARG A 267 7.30 14.15 -12.56
C ARG A 267 7.84 13.50 -13.80
N LYS A 268 8.53 14.32 -14.59
CA LYS A 268 9.12 13.90 -15.85
C LYS A 268 10.14 12.78 -15.66
N LEU A 269 10.98 12.90 -14.64
CA LEU A 269 12.02 11.90 -14.38
C LEU A 269 11.46 10.59 -13.81
N ILE A 270 10.43 10.68 -12.99
CA ILE A 270 9.77 9.48 -12.46
C ILE A 270 9.00 8.75 -13.58
N ASP A 271 8.27 9.51 -14.39
CA ASP A 271 7.60 8.94 -15.57
C ASP A 271 8.59 8.13 -16.42
N ALA A 272 9.80 8.67 -16.59
CA ALA A 272 10.82 8.07 -17.46
C ALA A 272 11.51 6.83 -16.88
N SER A 273 11.48 6.67 -15.56
CA SER A 273 12.14 5.55 -14.89
C SER A 273 11.16 4.56 -14.24
N LEU A 274 9.87 4.76 -14.48
CA LEU A 274 8.83 3.86 -13.98
C LEU A 274 9.04 2.49 -14.61
N TYR A 275 9.01 1.43 -13.80
CA TYR A 275 9.12 0.06 -14.32
C TYR A 275 8.01 -0.83 -13.77
N GLU A 276 7.91 -2.06 -14.28
CA GLU A 276 6.77 -2.93 -14.00
C GLU A 276 7.12 -4.14 -13.13
N LEU A 277 6.19 -4.49 -12.24
CA LEU A 277 6.28 -5.68 -11.39
C LEU A 277 4.93 -6.40 -11.46
N VAL A 278 4.91 -7.57 -12.08
CA VAL A 278 3.67 -8.33 -12.23
C VAL A 278 3.53 -9.28 -11.05
N LEU A 279 2.49 -9.07 -10.24
CA LEU A 279 2.17 -9.97 -9.13
C LEU A 279 1.23 -11.07 -9.61
N ASP A 280 1.79 -12.23 -9.91
CA ASP A 280 0.98 -13.38 -10.34
C ASP A 280 0.29 -13.98 -9.13
N GLN A 281 -0.71 -14.80 -9.37
CA GLN A 281 -1.45 -15.46 -8.31
C GLN A 281 -0.51 -16.04 -7.26
N GLY A 282 -0.72 -15.63 -6.01
CA GLY A 282 0.08 -16.14 -4.90
C GLY A 282 1.37 -15.38 -4.60
N ASP A 283 1.69 -14.37 -5.42
CA ASP A 283 2.83 -13.51 -5.12
C ASP A 283 2.45 -12.52 -4.03
N VAL A 284 3.38 -12.26 -3.11
CA VAL A 284 3.24 -11.21 -2.10
C VAL A 284 4.36 -10.21 -2.30
N ALA A 285 4.02 -8.93 -2.35
CA ALA A 285 5.03 -7.88 -2.42
C ALA A 285 4.85 -6.94 -1.24
N PHE A 286 5.99 -6.50 -0.71
CA PHE A 286 6.01 -5.44 0.29
C PHE A 286 6.79 -4.28 -0.28
N ILE A 287 6.08 -3.22 -0.63
CA ILE A 287 6.69 -2.08 -1.30
C ILE A 287 7.21 -1.11 -0.27
N ASP A 288 8.45 -0.65 -0.46
CA ASP A 288 9.05 0.32 0.45
C ASP A 288 8.49 1.70 0.13
N ASN A 289 7.56 2.13 0.98
CA ASN A 289 6.81 3.36 0.76
C ASN A 289 7.63 4.64 1.04
N ARG A 290 8.88 4.48 1.50
CA ARG A 290 9.80 5.60 1.68
C ARG A 290 10.80 5.73 0.53
N ARG A 291 11.21 4.61 -0.05
CA ARG A 291 12.17 4.61 -1.18
C ARG A 291 11.50 4.76 -2.53
N ALA A 292 10.25 4.31 -2.64
CA ALA A 292 9.60 4.16 -3.95
C ALA A 292 8.15 4.65 -3.95
N VAL A 293 7.72 5.10 -5.12
CA VAL A 293 6.30 5.33 -5.42
C VAL A 293 5.81 4.15 -6.26
N HIS A 294 4.51 3.91 -6.24
CA HIS A 294 3.93 2.80 -7.00
C HIS A 294 2.59 3.18 -7.63
N GLY A 295 2.16 2.37 -8.58
CA GLY A 295 0.87 2.53 -9.23
C GLY A 295 0.42 1.21 -9.86
N ARG A 296 -0.45 1.32 -10.86
CA ARG A 296 -0.97 0.13 -11.53
C ARG A 296 -1.36 0.49 -12.97
N ARG A 297 -0.92 -0.32 -13.92
CA ARG A 297 -1.21 -0.09 -15.33
C ARG A 297 -2.70 -0.15 -15.62
N ALA A 298 -3.09 0.56 -16.68
CA ALA A 298 -4.45 0.50 -17.19
C ALA A 298 -4.78 -0.93 -17.63
N PHE A 299 -6.00 -1.38 -17.35
CA PHE A 299 -6.47 -2.66 -17.87
C PHE A 299 -7.97 -2.64 -18.12
N GLN A 300 -8.42 -3.53 -18.99
CA GLN A 300 -9.85 -3.68 -19.27
C GLN A 300 -10.44 -4.64 -18.23
N PRO A 301 -11.38 -4.16 -17.39
CA PRO A 301 -11.96 -5.06 -16.40
C PRO A 301 -12.83 -6.13 -17.06
N ARG A 302 -12.95 -7.29 -16.42
CA ARG A 302 -13.73 -8.41 -16.95
C ARG A 302 -15.18 -8.38 -16.44
N TYR A 303 -15.35 -8.15 -15.14
CA TYR A 303 -16.66 -8.19 -14.46
C TYR A 303 -17.41 -9.50 -14.69
N ASP A 304 -16.66 -10.61 -14.74
CA ASP A 304 -17.23 -11.93 -15.01
C ASP A 304 -16.96 -12.92 -13.88
N GLY A 305 -16.53 -12.41 -12.73
CA GLY A 305 -16.20 -13.26 -11.58
C GLY A 305 -14.72 -13.59 -11.41
N ARG A 306 -13.88 -13.25 -12.38
CA ARG A 306 -12.45 -13.58 -12.31
C ARG A 306 -11.52 -12.37 -12.46
N ASP A 307 -11.99 -11.19 -12.06
CA ASP A 307 -11.16 -10.00 -12.09
C ASP A 307 -9.96 -10.09 -11.15
N ARG A 308 -8.88 -9.41 -11.54
CA ARG A 308 -7.70 -9.21 -10.70
C ARG A 308 -8.12 -8.71 -9.33
N TRP A 309 -7.52 -9.31 -8.30
CA TRP A 309 -7.95 -9.11 -6.92
C TRP A 309 -6.74 -9.26 -6.00
N LEU A 310 -6.47 -8.24 -5.20
CA LEU A 310 -5.38 -8.27 -4.23
C LEU A 310 -5.93 -7.97 -2.85
N LYS A 311 -5.32 -8.57 -1.85
CA LYS A 311 -5.48 -8.12 -0.47
C LYS A 311 -4.33 -7.17 -0.20
N ARG A 312 -4.59 -6.15 0.62
CA ARG A 312 -3.62 -5.09 0.86
C ARG A 312 -3.59 -4.69 2.34
N ILE A 313 -2.40 -4.31 2.80
CA ILE A 313 -2.21 -3.94 4.19
C ILE A 313 -1.14 -2.84 4.34
N ASN A 314 -1.44 -1.85 5.16
CA ASN A 314 -0.48 -0.81 5.52
C ASN A 314 0.34 -1.26 6.72
N ILE A 315 1.65 -1.01 6.68
CA ILE A 315 2.56 -1.46 7.73
C ILE A 315 3.46 -0.32 8.18
N THR A 316 3.59 -0.14 9.48
CA THR A 316 4.51 0.84 10.03
C THR A 316 5.55 0.16 10.90
N ARG A 317 6.75 0.74 10.94
CA ARG A 317 7.79 0.28 11.84
C ARG A 317 7.52 0.69 13.29
N ASP A 318 6.66 1.68 13.51
CA ASP A 318 6.33 2.11 14.87
C ASP A 318 4.94 2.71 14.99
N LEU A 319 4.01 1.92 15.53
CA LEU A 319 2.63 2.36 15.76
C LEU A 319 2.52 3.60 16.66
N HIS A 320 3.46 3.77 17.59
CA HIS A 320 3.41 4.87 18.57
C HIS A 320 3.75 6.24 17.97
N ARG A 321 4.39 6.22 16.80
CA ARG A 321 4.66 7.42 16.01
C ARG A 321 3.37 8.16 15.62
N SER A 322 2.25 7.45 15.55
CA SER A 322 0.98 8.01 15.05
C SER A 322 -0.11 8.19 16.11
N ARG A 323 0.28 8.27 17.39
CA ARG A 323 -0.71 8.31 18.48
C ARG A 323 -1.66 9.52 18.42
N LYS A 324 -1.19 10.62 17.86
CA LYS A 324 -2.04 11.81 17.66
C LYS A 324 -3.26 11.49 16.79
N ALA A 325 -3.10 10.55 15.85
CA ALA A 325 -4.17 10.15 14.93
C ALA A 325 -4.90 8.86 15.35
N TRP A 326 -4.59 8.29 16.50
CA TRP A 326 -5.31 7.13 17.01
C TRP A 326 -6.78 7.51 17.22
N ALA A 327 -7.66 6.96 16.38
CA ALA A 327 -9.08 7.30 16.40
C ALA A 327 -9.87 6.35 17.28
N GLY A 328 -9.78 6.55 18.60
CA GLY A 328 -10.42 5.66 19.58
C GLY A 328 -10.02 4.21 19.39
N ASP A 329 -8.84 4.01 18.80
CA ASP A 329 -8.42 2.72 18.28
C ASP A 329 -7.02 2.93 17.69
N SER A 330 -6.05 2.19 18.19
CA SER A 330 -4.66 2.40 17.79
C SER A 330 -4.34 1.93 16.36
N ARG A 331 -5.17 1.04 15.81
CA ARG A 331 -4.91 0.47 14.49
C ARG A 331 -5.78 1.11 13.40
N VAL A 332 -6.56 2.14 13.75
CA VAL A 332 -7.40 2.85 12.80
C VAL A 332 -7.15 4.36 12.96
N LEU A 333 -6.51 4.97 11.96
CA LEU A 333 -6.04 6.35 12.08
C LEU A 333 -6.98 7.40 11.50
N GLY A 334 -7.05 8.54 12.19
CA GLY A 334 -7.81 9.69 11.71
C GLY A 334 -7.93 10.78 12.77
N GLN A 335 -8.26 11.99 12.33
CA GLN A 335 -8.35 13.14 13.22
C GLN A 335 -9.54 14.05 12.92
N ARG A 336 -10.00 14.74 13.95
CA ARG A 336 -10.97 15.83 13.80
C ARG A 336 -10.32 16.98 13.05
#